data_2QFZ
#
_entry.id   2QFZ
#
_cell.length_a   42.911
_cell.length_b   121.515
_cell.length_c   66.278
_cell.angle_alpha   90.00
_cell.angle_beta   93.64
_cell.angle_gamma   90.00
#
_symmetry.space_group_name_H-M   'P 1 21 1'
#
loop_
_entity.id
_entity.type
_entity.pdbx_description
1 polymer 'TBC1 domain family member 22A'
2 non-polymer 'UNKNOWN ATOM OR ION'
3 water water
#
_entity_poly.entity_id   1
_entity_poly.type   'polypeptide(L)'
_entity_poly.pdbx_seq_one_letter_code
;MHHHHHHSSGRENLYFQGSEREASRLDKFKQLLAGPNTDLEELRRLSWSGIPKPVRPMTWKLLSGYLPANVDRRPATLQR
KQKEYFAFIEHYYDSRNDEVHQDTYRQIHIDIPRMSPEALILQPKVTEIFERILFIWAIRHPASGYVQGINDLVTPFFVV
FICEYIEAEEVDTVDVSGVPAEVLCNIEADTYWCMSKLLDGIQDNYTFAQPGIQMKVKMLEELVSRIDEQVHRHLDQHEV
RYLQFAFRWMNNLLMREVPLRCTIRLWDTYQSEPDGFSHFHLYVCAAFLVRWRKEILEEKDFQELLLFLQNLPTAHWDDE
DISLLLAEAYRLKFAFADAPNHYKK
;
_entity_poly.pdbx_strand_id   A,B
#
# COMPACT_ATOMS: atom_id res chain seq x y z
N SER A 24 38.57 7.15 24.95
CA SER A 24 37.98 8.20 25.86
C SER A 24 36.47 8.29 25.77
N ARG A 25 35.94 8.39 24.55
CA ARG A 25 34.55 8.03 24.29
C ARG A 25 34.48 6.50 24.44
N LEU A 26 35.44 5.79 23.84
CA LEU A 26 35.54 4.32 23.95
C LEU A 26 35.72 3.87 25.42
N ASP A 27 36.64 4.51 26.14
CA ASP A 27 36.80 4.30 27.59
C ASP A 27 35.52 4.56 28.41
N LYS A 28 34.66 5.48 27.96
CA LYS A 28 33.37 5.72 28.64
C LYS A 28 32.38 4.55 28.41
N PHE A 29 32.24 4.10 27.16
CA PHE A 29 31.44 2.92 26.84
C PHE A 29 31.91 1.69 27.63
N LYS A 30 33.20 1.45 27.60
CA LYS A 30 33.77 0.26 28.28
C LYS A 30 33.51 0.30 29.77
N GLN A 31 33.60 1.49 30.36
CA GLN A 31 33.35 1.64 31.77
C GLN A 31 31.89 1.37 32.11
N LEU A 32 30.95 1.90 31.31
CA LEU A 32 29.51 1.56 31.47
C LEU A 32 29.25 0.07 31.33
N LEU A 33 29.76 -0.55 30.25
CA LEU A 33 29.56 -1.97 30.03
C LEU A 33 30.09 -2.89 31.15
N ALA A 34 31.11 -2.46 31.91
CA ALA A 34 31.71 -3.30 32.94
C ALA A 34 30.86 -3.37 34.20
N GLY A 35 29.97 -2.42 34.39
CA GLY A 35 28.97 -2.51 35.45
C GLY A 35 29.52 -2.14 36.82
N PRO A 36 29.18 -2.93 37.87
CA PRO A 36 28.50 -4.24 37.91
C PRO A 36 27.05 -4.31 37.39
N ASN A 37 26.31 -3.21 37.48
CA ASN A 37 24.93 -3.10 36.97
C ASN A 37 24.85 -1.89 36.04
N THR A 38 25.12 -2.10 34.75
CA THR A 38 25.17 -1.04 33.72
C THR A 38 23.93 -0.12 33.70
N ASP A 39 24.18 1.19 33.73
CA ASP A 39 23.10 2.19 33.67
C ASP A 39 22.69 2.34 32.20
N LEU A 40 21.58 1.72 31.81
CA LEU A 40 21.14 1.65 30.39
C LEU A 40 20.62 3.01 29.87
N GLU A 41 20.15 3.87 30.78
CA GLU A 41 19.78 5.26 30.47
C GLU A 41 21.00 6.00 29.96
N GLU A 42 22.08 5.97 30.76
CA GLU A 42 23.34 6.54 30.37
C GLU A 42 23.95 5.92 29.10
N LEU A 43 23.87 4.60 28.95
CA LEU A 43 24.35 3.95 27.71
C LEU A 43 23.59 4.44 26.45
N ARG A 44 22.25 4.51 26.55
CA ARG A 44 21.38 5.08 25.48
C ARG A 44 21.72 6.49 25.09
N ARG A 45 21.90 7.36 26.09
CA ARG A 45 22.30 8.75 25.85
C ARG A 45 23.66 8.83 25.14
N LEU A 46 24.59 7.92 25.45
CA LEU A 46 25.88 7.92 24.76
C LEU A 46 25.76 7.31 23.34
N SER A 47 24.97 6.27 23.21
CA SER A 47 24.84 5.53 21.94
C SER A 47 24.14 6.34 20.82
N TRP A 48 23.39 7.38 21.23
CA TRP A 48 22.58 8.18 20.30
C TRP A 48 23.49 8.77 19.27
N SER A 49 24.67 9.20 19.70
CA SER A 49 25.62 9.86 18.84
C SER A 49 26.53 8.89 18.13
N GLY A 50 26.19 7.59 18.16
CA GLY A 50 26.96 6.56 17.46
C GLY A 50 27.81 5.75 18.45
N ILE A 51 28.03 4.46 18.17
CA ILE A 51 28.76 3.58 19.12
C ILE A 51 30.06 3.17 18.47
N PRO A 52 31.20 3.34 19.19
CA PRO A 52 32.46 2.87 18.65
C PRO A 52 32.43 1.39 18.33
N LYS A 53 32.99 1.02 17.19
CA LYS A 53 32.91 -0.35 16.67
C LYS A 53 33.30 -1.47 17.66
N PRO A 54 34.42 -1.31 18.41
CA PRO A 54 34.83 -2.29 19.43
C PRO A 54 33.79 -2.69 20.48
N VAL A 55 32.92 -1.77 20.85
CA VAL A 55 31.89 -2.06 21.83
C VAL A 55 30.48 -2.17 21.23
N ARG A 56 30.35 -2.13 19.89
CA ARG A 56 29.03 -2.12 19.28
C ARG A 56 28.27 -3.44 19.50
N PRO A 57 28.91 -4.60 19.25
CA PRO A 57 28.19 -5.84 19.50
C PRO A 57 27.58 -5.96 20.91
N MET A 58 28.34 -5.75 21.98
CA MET A 58 27.74 -5.87 23.33
C MET A 58 26.75 -4.72 23.63
N THR A 59 27.04 -3.51 23.17
CA THR A 59 26.08 -2.39 23.34
C THR A 59 24.72 -2.71 22.70
N TRP A 60 24.69 -3.13 21.43
CA TRP A 60 23.43 -3.56 20.80
C TRP A 60 22.71 -4.66 21.57
N LYS A 61 23.45 -5.65 22.03
CA LYS A 61 22.87 -6.68 22.88
C LYS A 61 22.25 -6.17 24.16
N LEU A 62 22.87 -5.20 24.81
CA LEU A 62 22.29 -4.64 26.02
C LEU A 62 21.08 -3.72 25.77
N LEU A 63 21.20 -2.87 24.75
CA LEU A 63 20.16 -1.89 24.44
C LEU A 63 18.89 -2.56 23.90
N SER A 64 19.03 -3.68 23.21
CA SER A 64 17.89 -4.45 22.77
C SER A 64 17.26 -5.35 23.86
N GLY A 65 17.90 -5.44 25.02
CA GLY A 65 17.43 -6.31 26.10
C GLY A 65 17.74 -7.79 25.94
N TYR A 66 18.65 -8.14 25.05
CA TYR A 66 19.02 -9.55 24.86
C TYR A 66 19.86 -10.03 26.07
N LEU A 67 20.81 -9.19 26.48
CA LEU A 67 21.60 -9.48 27.63
C LEU A 67 21.23 -8.52 28.75
N PRO A 68 21.26 -9.03 30.00
CA PRO A 68 20.97 -8.26 31.23
C PRO A 68 22.04 -7.23 31.56
N ALA A 69 21.58 -6.15 32.20
CA ALA A 69 22.42 -5.06 32.68
C ALA A 69 23.43 -5.54 33.73
N ASN A 70 23.01 -6.51 34.55
CA ASN A 70 23.89 -7.08 35.57
C ASN A 70 24.97 -8.00 34.98
N VAL A 71 26.23 -7.60 35.16
CA VAL A 71 27.34 -8.23 34.43
C VAL A 71 27.44 -9.73 34.76
N ASP A 72 27.27 -10.10 36.04
CA ASP A 72 27.46 -11.50 36.42
CA ASP A 72 27.40 -11.48 36.50
C ASP A 72 26.36 -12.42 35.92
N ARG A 73 25.19 -11.88 35.56
CA ARG A 73 24.12 -12.72 34.98
C ARG A 73 24.31 -13.02 33.48
N ARG A 74 25.15 -12.25 32.79
CA ARG A 74 25.20 -12.25 31.33
C ARG A 74 25.61 -13.56 30.71
N PRO A 75 26.70 -14.19 31.23
CA PRO A 75 27.18 -15.43 30.59
C PRO A 75 26.15 -16.56 30.62
N ALA A 76 25.48 -16.76 31.75
CA ALA A 76 24.43 -17.80 31.89
C ALA A 76 23.23 -17.51 31.01
N THR A 77 22.79 -16.23 30.97
CA THR A 77 21.71 -15.84 30.11
C THR A 77 22.00 -16.06 28.61
N LEU A 78 23.19 -15.67 28.20
CA LEU A 78 23.62 -15.88 26.81
C LEU A 78 23.66 -17.35 26.46
N GLN A 79 24.35 -18.15 27.26
CA GLN A 79 24.36 -19.56 27.00
C GLN A 79 22.94 -20.16 26.96
N ARG A 80 22.08 -19.80 27.88
CA ARG A 80 20.73 -20.39 27.88
C ARG A 80 19.89 -19.96 26.66
N LYS A 81 19.98 -18.68 26.27
CA LYS A 81 19.24 -18.22 25.05
C LYS A 81 19.79 -18.86 23.79
N GLN A 82 21.11 -19.02 23.70
CA GLN A 82 21.69 -19.70 22.56
C GLN A 82 21.21 -21.18 22.50
N LYS A 83 21.24 -21.90 23.62
CA LYS A 83 20.73 -23.28 23.64
C LYS A 83 19.27 -23.34 23.23
N GLU A 84 18.46 -22.36 23.62
CA GLU A 84 17.03 -22.38 23.25
C GLU A 84 16.86 -22.32 21.72
N TYR A 85 17.71 -21.53 21.06
CA TYR A 85 17.65 -21.40 19.63
C TYR A 85 18.12 -22.69 18.97
N PHE A 86 19.21 -23.27 19.47
CA PHE A 86 19.70 -24.54 18.94
C PHE A 86 18.66 -25.66 19.06
N ALA A 87 17.88 -25.63 20.14
CA ALA A 87 16.69 -26.48 20.24
C ALA A 87 15.66 -26.22 19.14
N PHE A 88 15.49 -24.96 18.70
CA PHE A 88 14.59 -24.71 17.58
C PHE A 88 15.13 -25.40 16.33
N ILE A 89 16.43 -25.28 16.07
CA ILE A 89 17.03 -25.85 14.86
C ILE A 89 16.80 -27.37 14.79
N GLU A 90 17.06 -28.02 15.91
CA GLU A 90 16.85 -29.45 16.02
C GLU A 90 15.39 -29.82 15.77
N HIS A 91 14.46 -29.08 16.37
CA HIS A 91 13.02 -29.42 16.34
C HIS A 91 12.40 -29.18 14.97
N TYR A 92 12.83 -28.11 14.31
CA TYR A 92 12.42 -27.81 12.96
C TYR A 92 13.53 -28.25 12.01
N HIS A 101 4.96 -25.34 4.96
CA HIS A 101 6.32 -24.82 5.19
C HIS A 101 7.22 -24.92 3.96
N GLN A 102 6.87 -25.80 3.02
CA GLN A 102 7.60 -25.94 1.76
C GLN A 102 7.59 -24.62 0.97
N ASP A 103 6.41 -23.99 0.94
CA ASP A 103 6.21 -22.74 0.24
C ASP A 103 6.91 -21.55 0.94
N THR A 104 6.99 -21.59 2.27
CA THR A 104 7.80 -20.63 3.00
C THR A 104 9.28 -20.76 2.64
N TYR A 105 9.80 -21.98 2.57
CA TYR A 105 11.22 -22.17 2.26
C TYR A 105 11.56 -21.75 0.81
N ARG A 106 10.65 -22.02 -0.12
CA ARG A 106 10.90 -21.68 -1.54
CA ARG A 106 10.84 -21.68 -1.53
C ARG A 106 10.96 -20.17 -1.71
N GLN A 107 10.03 -19.43 -1.08
CA GLN A 107 10.11 -17.97 -1.09
C GLN A 107 11.47 -17.47 -0.55
N ILE A 108 11.94 -18.06 0.55
CA ILE A 108 13.21 -17.63 1.19
C ILE A 108 14.42 -17.99 0.29
N HIS A 109 14.35 -19.15 -0.37
CA HIS A 109 15.44 -19.62 -1.26
C HIS A 109 15.59 -18.76 -2.50
N ILE A 110 14.52 -18.10 -2.93
CA ILE A 110 14.56 -17.22 -4.10
C ILE A 110 15.12 -15.83 -3.75
N ASP A 111 14.72 -15.31 -2.61
CA ASP A 111 15.13 -13.97 -2.17
C ASP A 111 16.55 -13.91 -1.64
N ILE A 112 16.92 -14.84 -0.75
CA ILE A 112 18.22 -14.74 -0.08
C ILE A 112 19.35 -14.67 -1.10
N PRO A 113 19.47 -15.68 -2.00
CA PRO A 113 20.53 -15.68 -3.02
C PRO A 113 20.76 -14.40 -3.83
N ARG A 114 19.75 -13.56 -3.99
CA ARG A 114 19.88 -12.35 -4.81
C ARG A 114 19.81 -11.05 -3.99
N MET A 115 19.94 -11.14 -2.67
CA MET A 115 19.87 -9.92 -1.84
C MET A 115 21.26 -9.27 -1.70
N SER A 116 21.28 -8.07 -1.15
CA SER A 116 22.49 -7.27 -1.00
C SER A 116 22.96 -7.34 0.47
N PRO A 117 24.28 -7.19 0.73
CA PRO A 117 25.41 -7.06 -0.20
C PRO A 117 25.90 -8.40 -0.73
N GLU A 118 26.15 -8.45 -2.04
CA GLU A 118 26.37 -9.71 -2.76
C GLU A 118 27.65 -10.48 -2.37
N ALA A 119 28.72 -9.76 -2.05
CA ALA A 119 29.98 -10.41 -1.66
C ALA A 119 29.82 -11.25 -0.38
N LEU A 120 29.02 -10.75 0.57
CA LEU A 120 28.74 -11.48 1.82
C LEU A 120 27.80 -12.67 1.57
N ILE A 121 26.66 -12.40 0.92
CA ILE A 121 25.61 -13.38 0.71
C ILE A 121 26.07 -14.55 -0.13
N LEU A 122 26.94 -14.29 -1.10
CA LEU A 122 27.41 -15.34 -1.98
C LEU A 122 28.34 -16.33 -1.26
N GLN A 123 28.89 -15.95 -0.11
CA GLN A 123 29.63 -16.89 0.74
C GLN A 123 28.62 -17.96 1.20
N PRO A 124 28.88 -19.25 0.89
CA PRO A 124 27.80 -20.28 0.95
C PRO A 124 27.29 -20.61 2.36
N LYS A 125 28.13 -20.33 3.36
CA LYS A 125 27.75 -20.51 4.76
C LYS A 125 26.83 -19.36 5.22
N VAL A 126 26.95 -18.20 4.59
CA VAL A 126 26.12 -17.03 4.97
C VAL A 126 24.68 -17.27 4.48
N THR A 127 24.55 -17.81 3.28
CA THR A 127 23.24 -18.06 2.69
C THR A 127 22.46 -19.04 3.49
N GLU A 128 23.12 -20.07 3.97
CA GLU A 128 22.45 -21.08 4.80
C GLU A 128 22.02 -20.55 6.16
N ILE A 129 22.85 -19.73 6.81
CA ILE A 129 22.52 -19.17 8.12
C ILE A 129 21.29 -18.29 7.95
N PHE A 130 21.35 -17.42 6.93
CA PHE A 130 20.28 -16.44 6.67
C PHE A 130 18.95 -17.12 6.46
N GLU A 131 18.92 -18.17 5.61
CA GLU A 131 17.69 -18.97 5.35
C GLU A 131 17.13 -19.65 6.58
N ARG A 132 18.03 -20.17 7.40
CA ARG A 132 17.63 -20.86 8.61
C ARG A 132 17.05 -19.92 9.65
N ILE A 133 17.69 -18.79 9.89
CA ILE A 133 17.13 -17.75 10.81
C ILE A 133 15.74 -17.31 10.36
N LEU A 134 15.62 -17.02 9.06
CA LEU A 134 14.38 -16.50 8.47
C LEU A 134 13.27 -17.59 8.46
N PHE A 135 13.63 -18.82 8.11
CA PHE A 135 12.68 -19.94 8.19
C PHE A 135 12.16 -20.21 9.63
N ILE A 136 13.06 -20.21 10.61
CA ILE A 136 12.65 -20.41 12.03
C ILE A 136 11.76 -19.25 12.53
N TRP A 137 12.16 -18.01 12.25
CA TRP A 137 11.32 -16.86 12.61
C TRP A 137 9.87 -16.98 12.05
N ALA A 138 9.78 -17.39 10.77
CA ALA A 138 8.51 -17.49 10.04
C ALA A 138 7.59 -18.56 10.62
N ILE A 139 8.11 -19.75 10.90
CA ILE A 139 7.26 -20.78 11.49
C ILE A 139 6.84 -20.43 12.94
N ARG A 140 7.68 -19.68 13.67
CA ARG A 140 7.33 -19.24 15.01
C ARG A 140 6.47 -17.98 15.07
N HIS A 141 6.18 -17.38 13.90
CA HIS A 141 5.36 -16.18 13.87
C HIS A 141 4.36 -16.34 12.75
N PRO A 142 3.36 -17.22 12.99
CA PRO A 142 2.45 -17.63 11.91
C PRO A 142 1.48 -16.55 11.43
N ALA A 143 1.24 -15.51 12.23
CA ALA A 143 0.47 -14.34 11.73
C ALA A 143 1.17 -13.55 10.58
N SER A 144 2.49 -13.67 10.49
CA SER A 144 3.29 -13.02 9.45
C SER A 144 3.79 -14.02 8.43
N GLY A 145 4.45 -15.05 8.90
CA GLY A 145 5.17 -15.96 8.02
C GLY A 145 6.36 -15.23 7.46
N TYR A 146 6.83 -15.61 6.28
CA TYR A 146 7.91 -14.90 5.64
C TYR A 146 7.34 -13.77 4.78
N VAL A 147 7.82 -12.55 5.00
CA VAL A 147 7.46 -11.41 4.12
C VAL A 147 8.75 -10.86 3.54
N GLN A 148 8.90 -10.76 2.22
CA GLN A 148 10.15 -10.17 1.67
C GLN A 148 10.38 -8.76 2.26
N GLY A 149 11.63 -8.46 2.61
CA GLY A 149 11.95 -7.27 3.42
C GLY A 149 12.49 -7.61 4.80
N ILE A 150 11.86 -8.59 5.48
CA ILE A 150 12.41 -9.08 6.74
C ILE A 150 13.81 -9.68 6.55
N ASN A 151 14.10 -10.27 5.40
CA ASN A 151 15.44 -10.80 5.11
C ASN A 151 16.57 -9.78 5.25
N ASP A 152 16.30 -8.52 4.86
CA ASP A 152 17.27 -7.41 5.04
C ASP A 152 17.57 -7.09 6.53
N LEU A 153 16.57 -7.21 7.37
CA LEU A 153 16.78 -6.90 8.78
C LEU A 153 17.74 -7.86 9.48
N VAL A 154 18.05 -9.01 8.86
CA VAL A 154 19.05 -9.94 9.39
C VAL A 154 20.46 -9.35 9.29
N THR A 155 20.73 -8.67 8.18
CA THR A 155 22.12 -8.29 7.80
C THR A 155 22.89 -7.40 8.80
N PRO A 156 22.26 -6.33 9.32
CA PRO A 156 23.04 -5.54 10.26
C PRO A 156 23.44 -6.27 11.56
N PHE A 157 22.55 -7.04 12.14
CA PHE A 157 22.91 -7.83 13.33
C PHE A 157 24.08 -8.81 13.00
N PHE A 158 24.00 -9.48 11.87
CA PHE A 158 24.93 -10.54 11.56
C PHE A 158 26.31 -9.92 11.30
N VAL A 159 26.35 -8.83 10.53
CA VAL A 159 27.61 -8.19 10.19
C VAL A 159 28.25 -7.58 11.44
N VAL A 160 27.47 -6.89 12.26
CA VAL A 160 27.98 -6.33 13.50
C VAL A 160 28.57 -7.45 14.38
N PHE A 161 27.80 -8.52 14.59
CA PHE A 161 28.21 -9.60 15.47
C PHE A 161 29.37 -10.44 14.90
N ILE A 162 29.40 -10.73 13.60
CA ILE A 162 30.51 -11.49 13.04
C ILE A 162 31.80 -10.68 13.07
N CYS A 163 31.69 -9.35 13.03
CA CYS A 163 32.85 -8.47 13.04
C CYS A 163 33.62 -8.45 14.37
N GLU A 164 33.05 -9.00 15.45
CA GLU A 164 33.77 -9.15 16.72
C GLU A 164 34.85 -10.32 16.64
N TYR A 165 34.82 -11.09 15.56
CA TYR A 165 35.64 -12.31 15.40
C TYR A 165 36.46 -12.39 14.10
N ILE A 166 36.60 -11.26 13.39
CA ILE A 166 37.43 -11.20 12.17
C ILE A 166 38.30 -9.95 12.16
N GLU A 167 39.37 -9.99 11.35
CA GLU A 167 40.37 -8.91 11.31
C GLU A 167 40.08 -7.89 10.22
N THR A 173 34.99 -6.35 2.74
CA THR A 173 36.09 -7.02 3.45
C THR A 173 35.62 -8.20 4.31
N VAL A 174 34.32 -8.32 4.57
CA VAL A 174 33.81 -9.31 5.55
C VAL A 174 33.83 -10.76 5.01
N ASP A 175 34.88 -11.51 5.38
CA ASP A 175 34.98 -12.92 5.05
C ASP A 175 34.64 -13.76 6.29
N VAL A 176 33.70 -14.69 6.12
CA VAL A 176 33.25 -15.60 7.16
C VAL A 176 34.14 -16.87 7.24
N SER A 177 34.99 -17.11 6.25
CA SER A 177 35.68 -18.43 6.10
C SER A 177 36.52 -18.90 7.30
N GLY A 178 37.13 -17.96 8.04
CA GLY A 178 37.98 -18.31 9.19
C GLY A 178 37.30 -18.58 10.53
N VAL A 179 36.01 -18.23 10.65
CA VAL A 179 35.30 -18.32 11.92
C VAL A 179 35.01 -19.80 12.25
N PRO A 180 35.44 -20.29 13.44
CA PRO A 180 35.09 -21.66 13.83
C PRO A 180 33.58 -21.86 13.83
N ALA A 181 33.16 -23.07 13.51
CA ALA A 181 31.74 -23.45 13.46
C ALA A 181 30.94 -23.16 14.73
N GLU A 182 31.54 -23.46 15.88
CA GLU A 182 30.88 -23.26 17.17
C GLU A 182 30.57 -21.76 17.40
N VAL A 183 31.50 -20.92 16.97
CA VAL A 183 31.41 -19.47 17.16
C VAL A 183 30.38 -18.89 16.22
N LEU A 184 30.43 -19.36 14.97
CA LEU A 184 29.40 -19.02 13.94
C LEU A 184 27.92 -19.41 14.33
N CYS A 185 27.70 -20.59 14.95
CA CYS A 185 26.37 -20.92 15.52
C CYS A 185 25.92 -19.95 16.60
N ASN A 186 26.87 -19.53 17.44
CA ASN A 186 26.60 -18.56 18.50
C ASN A 186 26.17 -17.20 17.96
N ILE A 187 26.87 -16.74 16.94
CA ILE A 187 26.52 -15.55 16.18
C ILE A 187 25.12 -15.65 15.58
N GLU A 188 24.78 -16.80 15.00
CA GLU A 188 23.49 -17.04 14.40
C GLU A 188 22.37 -16.93 15.42
N ALA A 189 22.56 -17.52 16.63
CA ALA A 189 21.57 -17.41 17.72
C ALA A 189 21.40 -15.95 18.15
N ASP A 190 22.50 -15.26 18.37
CA ASP A 190 22.50 -13.83 18.75
C ASP A 190 21.73 -12.99 17.71
N THR A 191 22.01 -13.27 16.46
CA THR A 191 21.36 -12.58 15.33
C THR A 191 19.85 -12.82 15.33
N TYR A 192 19.45 -14.08 15.54
CA TYR A 192 17.99 -14.42 15.63
C TYR A 192 17.31 -13.66 16.78
N TRP A 193 17.88 -13.69 17.97
CA TRP A 193 17.20 -13.09 19.11
C TRP A 193 17.09 -11.58 19.01
N CYS A 194 18.13 -10.94 18.52
CA CYS A 194 18.16 -9.48 18.38
C CYS A 194 17.25 -8.99 17.26
N MET A 195 17.27 -9.68 16.12
CA MET A 195 16.27 -9.48 15.07
C MET A 195 14.85 -9.69 15.57
N SER A 196 14.59 -10.76 16.33
CA SER A 196 13.28 -10.98 16.93
C SER A 196 12.80 -9.82 17.78
N LYS A 197 13.70 -9.24 18.55
CA LYS A 197 13.41 -8.12 19.41
C LYS A 197 13.03 -6.85 18.60
N LEU A 198 13.86 -6.52 17.61
CA LEU A 198 13.49 -5.51 16.61
C LEU A 198 12.08 -5.75 16.04
N LEU A 199 11.79 -6.96 15.59
CA LEU A 199 10.50 -7.25 14.97
C LEU A 199 9.31 -7.19 15.92
N ASP A 200 9.52 -7.56 17.19
CA ASP A 200 8.49 -7.43 18.21
C ASP A 200 8.01 -5.98 18.48
N GLY A 201 8.80 -4.96 18.13
CA GLY A 201 8.29 -3.58 18.18
C GLY A 201 7.61 -3.10 16.90
N ILE A 202 7.62 -3.88 15.83
CA ILE A 202 6.93 -3.45 14.56
C ILE A 202 6.02 -4.55 14.03
N GLN A 203 5.27 -5.15 14.94
CA GLN A 203 4.51 -6.40 14.68
C GLN A 203 3.50 -6.27 13.56
N ASP A 204 2.83 -5.12 13.50
CA ASP A 204 1.78 -4.87 12.50
C ASP A 204 2.30 -4.61 11.06
N ASN A 205 3.61 -4.41 10.94
CA ASN A 205 4.24 -4.24 9.60
C ASN A 205 4.15 -5.45 8.72
N TYR A 206 3.99 -6.63 9.33
CA TYR A 206 4.19 -7.90 8.63
C TYR A 206 3.07 -8.93 8.79
N THR A 207 1.99 -8.58 9.46
CA THR A 207 0.78 -9.35 9.40
C THR A 207 0.10 -9.23 8.01
N PHE A 208 -0.98 -10.02 7.83
CA PHE A 208 -1.79 -10.05 6.60
C PHE A 208 -2.15 -8.65 6.10
N ALA A 209 -1.74 -8.32 4.87
CA ALA A 209 -2.02 -7.00 4.29
C ALA A 209 -1.17 -5.86 4.89
N GLN A 210 -0.25 -6.22 5.77
CA GLN A 210 0.77 -5.34 6.33
C GLN A 210 0.26 -3.96 6.76
N PRO A 211 -0.74 -3.93 7.68
CA PRO A 211 -1.40 -2.67 8.04
C PRO A 211 -0.54 -1.68 8.78
N GLY A 212 0.57 -2.13 9.38
CA GLY A 212 1.53 -1.22 9.97
C GLY A 212 2.18 -0.38 8.90
N ILE A 213 2.41 -0.94 7.71
CA ILE A 213 3.14 -0.22 6.69
C ILE A 213 2.27 0.93 6.15
N GLN A 214 1.04 0.64 5.75
CA GLN A 214 0.09 1.64 5.24
C GLN A 214 -0.14 2.78 6.19
N MET A 215 -0.31 2.44 7.46
CA MET A 215 -0.46 3.42 8.50
C MET A 215 0.76 4.34 8.59
N LYS A 216 1.96 3.77 8.62
CA LYS A 216 3.19 4.58 8.65
C LYS A 216 3.42 5.45 7.41
N VAL A 217 3.08 4.95 6.24
CA VAL A 217 3.18 5.76 5.02
C VAL A 217 2.20 6.96 5.07
N LYS A 218 1.03 6.74 5.66
CA LYS A 218 -0.01 7.78 5.76
C LYS A 218 0.41 8.82 6.80
N MET A 219 0.94 8.39 7.95
CA MET A 219 1.50 9.33 8.93
C MET A 219 2.69 10.09 8.38
N LEU A 220 3.50 9.45 7.53
CA LEU A 220 4.57 10.16 6.82
C LEU A 220 4.01 11.26 5.95
N GLU A 221 2.90 10.95 5.30
CA GLU A 221 2.25 11.88 4.42
C GLU A 221 1.74 13.08 5.24
N GLU A 222 1.07 12.81 6.38
CA GLU A 222 0.57 13.88 7.27
C GLU A 222 1.71 14.72 7.85
N LEU A 223 2.84 14.08 8.13
CA LEU A 223 4.00 14.77 8.68
C LEU A 223 4.61 15.70 7.63
N VAL A 224 4.87 15.19 6.44
CA VAL A 224 5.48 16.01 5.40
C VAL A 224 4.55 17.17 4.89
N SER A 225 3.24 16.95 4.92
CA SER A 225 2.31 18.03 4.60
C SER A 225 2.51 19.21 5.54
N ARG A 226 2.86 18.91 6.80
CA ARG A 226 3.09 19.92 7.85
C ARG A 226 4.51 20.51 7.84
N ILE A 227 5.54 19.74 7.52
CA ILE A 227 6.89 20.30 7.63
C ILE A 227 7.44 20.89 6.35
N ASP A 228 6.88 20.45 5.22
CA ASP A 228 7.37 20.84 3.91
C ASP A 228 6.27 20.70 2.89
N GLU A 229 5.38 21.68 2.94
CA GLU A 229 4.15 21.63 2.19
C GLU A 229 4.48 21.81 0.73
N GLN A 230 5.60 22.47 0.41
CA GLN A 230 6.01 22.62 -0.98
C GLN A 230 6.41 21.27 -1.61
N VAL A 231 7.22 20.48 -0.93
CA VAL A 231 7.52 19.10 -1.39
C VAL A 231 6.20 18.27 -1.49
N HIS A 232 5.35 18.32 -0.46
CA HIS A 232 4.04 17.64 -0.46
C HIS A 232 3.13 17.87 -1.70
N ARG A 233 3.03 19.14 -2.13
CA ARG A 233 2.22 19.55 -3.26
C ARG A 233 2.85 19.26 -4.60
N HIS A 234 4.17 19.37 -4.68
CA HIS A 234 4.86 18.97 -5.88
C HIS A 234 4.64 17.45 -6.14
N LEU A 235 4.68 16.62 -5.10
CA LEU A 235 4.45 15.15 -5.31
C LEU A 235 3.03 14.97 -5.85
N ASP A 236 2.07 15.66 -5.26
CA ASP A 236 0.65 15.63 -5.71
C ASP A 236 0.48 16.16 -7.12
N GLN A 237 1.08 17.31 -7.37
CA GLN A 237 1.08 17.92 -8.71
C GLN A 237 1.57 16.92 -9.77
N HIS A 238 2.58 16.13 -9.47
CA HIS A 238 3.16 15.20 -10.47
C HIS A 238 2.73 13.74 -10.29
N GLU A 239 1.60 13.52 -9.58
CA GLU A 239 0.96 12.23 -9.45
C GLU A 239 1.86 11.18 -8.79
N VAL A 240 2.77 11.57 -7.90
CA VAL A 240 3.49 10.57 -7.13
C VAL A 240 2.82 10.42 -5.77
N ARG A 241 2.39 9.19 -5.45
CA ARG A 241 1.79 8.85 -4.16
C ARG A 241 2.88 8.40 -3.19
N TYR A 242 2.77 8.73 -1.90
CA TYR A 242 3.84 8.32 -0.99
C TYR A 242 4.09 6.80 -1.00
N LEU A 243 3.04 6.01 -1.18
CA LEU A 243 3.14 4.56 -1.11
C LEU A 243 4.01 3.98 -2.18
N GLN A 244 4.12 4.67 -3.32
CA GLN A 244 4.93 4.17 -4.44
C GLN A 244 6.43 4.12 -4.16
N PHE A 245 6.92 4.97 -3.26
CA PHE A 245 8.35 4.99 -2.90
C PHE A 245 8.58 4.66 -1.44
N ALA A 246 7.69 5.10 -0.56
CA ALA A 246 7.86 4.92 0.88
C ALA A 246 7.42 3.54 1.46
N PHE A 247 6.72 2.70 0.70
CA PHE A 247 6.45 1.32 1.11
C PHE A 247 7.76 0.60 1.42
N ARG A 248 8.71 0.69 0.51
CA ARG A 248 10.05 0.11 0.72
C ARG A 248 10.83 0.74 1.89
N TRP A 249 10.66 2.04 2.10
CA TRP A 249 11.36 2.75 3.16
C TRP A 249 10.89 2.16 4.52
N MET A 250 9.62 1.80 4.64
CA MET A 250 9.06 1.26 5.93
C MET A 250 9.31 -0.23 6.08
N ASN A 251 9.01 -0.97 5.01
CA ASN A 251 9.13 -2.43 4.92
C ASN A 251 10.56 -2.96 5.16
N ASN A 252 11.53 -2.23 4.59
CA ASN A 252 12.95 -2.57 4.66
C ASN A 252 13.76 -1.68 5.61
N LEU A 253 13.09 -0.76 6.33
CA LEU A 253 13.72 0.18 7.27
C LEU A 253 14.87 1.00 6.63
N LEU A 254 14.58 1.54 5.45
CA LEU A 254 15.49 2.37 4.63
C LEU A 254 16.72 1.64 4.16
N MET A 255 16.80 0.31 4.40
CA MET A 255 17.99 -0.45 4.01
C MET A 255 18.18 -0.55 2.52
N ARG A 256 17.13 -0.39 1.72
CA ARG A 256 17.33 -0.39 0.25
C ARG A 256 17.66 0.99 -0.28
N GLU A 257 17.72 2.00 0.60
CA GLU A 257 17.92 3.37 0.13
C GLU A 257 19.32 3.89 0.48
N VAL A 258 19.99 3.25 1.43
CA VAL A 258 21.32 3.68 1.87
C VAL A 258 22.25 2.48 2.03
N PRO A 259 23.57 2.73 1.95
CA PRO A 259 24.52 1.65 2.12
C PRO A 259 24.48 1.01 3.56
N LEU A 260 24.90 -0.25 3.67
CA LEU A 260 24.83 -0.99 4.93
C LEU A 260 25.56 -0.33 6.08
N ARG A 261 26.73 0.25 5.79
CA ARG A 261 27.47 0.97 6.79
C ARG A 261 26.64 2.11 7.35
N CYS A 262 25.79 2.71 6.51
CA CYS A 262 24.88 3.73 6.99
C CYS A 262 23.76 3.17 7.88
N THR A 263 23.22 2.03 7.51
CA THR A 263 22.10 1.40 8.26
C THR A 263 22.65 1.05 9.70
N ILE A 264 23.89 0.58 9.77
CA ILE A 264 24.48 0.20 11.05
C ILE A 264 24.53 1.41 11.96
N ARG A 265 25.01 2.55 11.43
CA ARG A 265 25.05 3.75 12.21
C ARG A 265 23.66 4.28 12.69
N LEU A 266 22.74 4.35 11.75
CA LEU A 266 21.34 4.63 11.97
C LEU A 266 20.76 3.77 13.09
N TRP A 267 21.07 2.46 13.09
CA TRP A 267 20.48 1.56 14.11
C TRP A 267 21.06 1.77 15.52
N ASP A 268 22.28 2.36 15.64
CA ASP A 268 22.83 2.81 16.94
C ASP A 268 21.80 3.74 17.62
N THR A 269 21.34 4.72 16.86
CA THR A 269 20.39 5.67 17.37
C THR A 269 19.00 5.10 17.52
N TYR A 270 18.54 4.29 16.56
CA TYR A 270 17.24 3.60 16.74
C TYR A 270 17.14 2.82 18.05
N GLN A 271 18.22 2.17 18.45
CA GLN A 271 18.23 1.36 19.66
C GLN A 271 18.38 2.21 20.96
N SER A 272 18.75 3.49 20.81
CA SER A 272 18.90 4.42 21.91
C SER A 272 17.62 5.16 22.20
N GLU A 273 16.76 5.23 21.19
CA GLU A 273 15.51 5.98 21.25
C GLU A 273 14.40 5.13 21.79
N PRO A 274 13.45 5.78 22.50
CA PRO A 274 12.24 5.06 22.81
C PRO A 274 11.46 4.83 21.50
N ASP A 275 11.07 3.57 21.29
CA ASP A 275 10.38 3.13 20.07
C ASP A 275 11.07 3.60 18.79
N GLY A 276 12.38 3.37 18.69
CA GLY A 276 13.18 3.88 17.61
C GLY A 276 12.81 3.39 16.24
N PHE A 277 12.58 2.08 16.10
CA PHE A 277 12.33 1.46 14.80
C PHE A 277 10.91 1.73 14.38
N SER A 278 10.08 1.95 15.39
CA SER A 278 8.67 2.05 15.26
C SER A 278 8.26 3.50 14.96
N HIS A 279 8.69 4.42 15.80
CA HIS A 279 8.18 5.80 15.85
C HIS A 279 9.24 6.76 15.29
N PHE A 280 10.44 6.75 15.90
CA PHE A 280 11.52 7.64 15.39
C PHE A 280 11.80 7.45 13.89
N HIS A 281 11.73 6.21 13.40
CA HIS A 281 11.88 5.91 11.97
C HIS A 281 11.05 6.80 11.06
N LEU A 282 9.81 7.08 11.43
CA LEU A 282 8.96 7.99 10.67
CA LEU A 282 8.96 7.98 10.66
C LEU A 282 9.63 9.35 10.41
N TYR A 283 10.22 9.93 11.44
CA TYR A 283 10.87 11.24 11.35
C TYR A 283 12.14 11.20 10.56
N VAL A 284 12.86 10.07 10.58
CA VAL A 284 14.03 9.87 9.73
C VAL A 284 13.59 9.83 8.26
N CYS A 285 12.46 9.15 8.00
CA CYS A 285 11.92 9.11 6.64
C CYS A 285 11.54 10.53 6.12
N ALA A 286 10.95 11.34 6.98
CA ALA A 286 10.56 12.71 6.66
C ALA A 286 11.78 13.58 6.35
N ALA A 287 12.80 13.47 7.19
CA ALA A 287 14.10 14.13 6.94
C ALA A 287 14.83 13.63 5.68
N PHE A 288 14.70 12.34 5.40
CA PHE A 288 15.33 11.76 4.22
C PHE A 288 14.71 12.36 2.94
N LEU A 289 13.39 12.44 2.93
CA LEU A 289 12.70 13.04 1.80
C LEU A 289 13.10 14.54 1.56
N VAL A 290 13.08 15.34 2.62
CA VAL A 290 13.28 16.76 2.46
C VAL A 290 14.74 17.14 2.33
N ARG A 291 15.66 16.22 2.62
CA ARG A 291 17.09 16.34 2.27
C ARG A 291 17.28 16.60 0.77
N TRP A 292 16.45 16.00 -0.10
CA TRP A 292 16.57 16.28 -1.56
C TRP A 292 15.45 17.14 -2.09
N ARG A 293 14.97 18.04 -1.26
CA ARG A 293 13.86 18.85 -1.67
C ARG A 293 14.19 19.61 -2.97
N LYS A 294 15.46 20.03 -3.15
CA LYS A 294 15.91 20.81 -4.32
C LYS A 294 15.79 20.00 -5.60
N GLU A 295 16.37 18.81 -5.62
CA GLU A 295 16.24 17.91 -6.75
C GLU A 295 14.78 17.42 -7.02
N ILE A 296 13.95 17.25 -5.97
CA ILE A 296 12.53 16.90 -6.10
C ILE A 296 11.74 18.00 -6.81
N LEU A 297 11.84 19.21 -6.30
CA LEU A 297 11.14 20.37 -6.83
C LEU A 297 11.58 20.82 -8.25
N GLU A 298 12.78 20.44 -8.67
CA GLU A 298 13.28 20.69 -10.02
C GLU A 298 12.83 19.61 -11.00
N GLU A 299 12.46 18.44 -10.47
CA GLU A 299 12.00 17.33 -11.29
C GLU A 299 10.52 17.46 -11.62
N LYS A 300 10.18 17.52 -12.90
CA LYS A 300 8.81 17.71 -13.37
C LYS A 300 8.27 16.60 -14.25
N ASP A 301 9.08 15.58 -14.58
CA ASP A 301 8.57 14.37 -15.22
C ASP A 301 8.15 13.37 -14.13
N PHE A 302 6.92 12.82 -14.19
CA PHE A 302 6.45 11.80 -13.21
C PHE A 302 7.38 10.58 -13.12
N GLN A 303 7.76 10.03 -14.28
CA GLN A 303 8.56 8.78 -14.35
C GLN A 303 9.94 8.93 -13.70
N GLU A 304 10.62 10.02 -14.02
CA GLU A 304 11.94 10.30 -13.45
C GLU A 304 11.85 10.73 -12.00
N LEU A 305 10.77 11.40 -11.61
CA LEU A 305 10.53 11.77 -10.21
C LEU A 305 10.41 10.55 -9.29
N LEU A 306 9.52 9.64 -9.66
CA LEU A 306 9.43 8.35 -8.97
C LEU A 306 10.76 7.55 -9.01
N LEU A 307 11.44 7.48 -10.15
CA LEU A 307 12.76 6.80 -10.24
C LEU A 307 13.80 7.32 -9.30
N PHE A 308 13.86 8.65 -9.17
CA PHE A 308 14.77 9.37 -8.27
C PHE A 308 14.46 9.03 -6.79
N LEU A 309 13.19 9.10 -6.40
CA LEU A 309 12.78 8.86 -5.01
C LEU A 309 13.04 7.41 -4.60
N GLN A 310 13.02 6.51 -5.60
CA GLN A 310 13.28 5.09 -5.41
C GLN A 310 14.75 4.79 -5.53
N ASN A 311 15.57 5.77 -5.93
CA ASN A 311 17.01 5.55 -6.18
C ASN A 311 17.82 6.74 -5.75
N LEU A 312 17.65 7.17 -4.51
CA LEU A 312 18.28 8.40 -4.05
C LEU A 312 19.82 8.23 -4.06
N PRO A 313 20.56 9.29 -4.44
CA PRO A 313 22.02 9.14 -4.61
C PRO A 313 22.79 9.13 -3.26
N THR A 314 22.93 7.95 -2.69
CA THR A 314 23.51 7.79 -1.35
C THR A 314 24.70 6.82 -1.34
N ALA A 315 25.15 6.35 -2.49
CA ALA A 315 26.27 5.38 -2.54
C ALA A 315 27.56 5.96 -1.91
N HIS A 316 27.67 7.27 -1.87
CA HIS A 316 28.87 7.91 -1.33
C HIS A 316 28.68 8.35 0.12
N TRP A 317 27.54 8.03 0.72
CA TRP A 317 27.22 8.55 2.05
C TRP A 317 28.14 7.98 3.14
N ASP A 318 28.46 8.82 4.11
CA ASP A 318 29.32 8.46 5.25
C ASP A 318 28.68 8.92 6.56
N ASP A 319 29.42 8.84 7.65
CA ASP A 319 28.84 9.03 8.99
C ASP A 319 28.37 10.46 9.16
N GLU A 320 29.06 11.40 8.56
CA GLU A 320 28.64 12.79 8.57
C GLU A 320 27.21 12.97 8.02
N ASP A 321 26.89 12.24 6.95
CA ASP A 321 25.57 12.36 6.29
C ASP A 321 24.48 11.78 7.18
N ILE A 322 24.74 10.64 7.79
CA ILE A 322 23.80 10.05 8.74
C ILE A 322 23.56 10.86 10.00
N SER A 323 24.63 11.42 10.60
CA SER A 323 24.53 12.30 11.77
C SER A 323 23.67 13.51 11.48
N LEU A 324 23.85 14.10 10.30
CA LEU A 324 22.99 15.20 9.87
C LEU A 324 21.54 14.76 9.71
N LEU A 325 21.30 13.65 9.02
CA LEU A 325 19.95 13.13 8.86
C LEU A 325 19.25 12.92 10.23
N LEU A 326 19.99 12.36 11.18
CA LEU A 326 19.41 12.11 12.49
C LEU A 326 19.14 13.41 13.27
N ALA A 327 20.01 14.41 13.10
CA ALA A 327 19.84 15.71 13.76
C ALA A 327 18.59 16.42 13.26
N GLU A 328 18.37 16.39 11.94
CA GLU A 328 17.12 16.84 11.31
C GLU A 328 15.87 16.08 11.74
N ALA A 329 15.93 14.76 11.74
CA ALA A 329 14.83 13.89 12.25
C ALA A 329 14.43 14.30 13.66
N TYR A 330 15.43 14.54 14.49
CA TYR A 330 15.26 14.92 15.86
C TYR A 330 14.53 16.27 15.97
N ARG A 331 14.93 17.24 15.16
CA ARG A 331 14.27 18.53 15.10
C ARG A 331 12.78 18.38 14.67
N LEU A 332 12.56 17.66 13.57
CA LEU A 332 11.20 17.43 13.04
C LEU A 332 10.29 16.80 14.07
N LYS A 333 10.85 15.94 14.91
CA LYS A 333 10.11 15.36 16.04
C LYS A 333 9.47 16.41 16.96
N PHE A 334 10.15 17.54 17.16
CA PHE A 334 9.61 18.58 18.06
C PHE A 334 8.77 19.66 17.34
N ALA A 335 8.98 19.84 16.03
CA ALA A 335 8.20 20.74 15.17
C ALA A 335 6.77 20.25 15.08
N PHE A 336 6.60 19.02 14.56
CA PHE A 336 5.37 18.24 14.76
C PHE A 336 5.12 17.99 16.25
N SER B 24 -37.26 -7.26 -26.95
CA SER B 24 -38.11 -8.01 -25.96
C SER B 24 -37.40 -8.31 -24.64
N ARG B 25 -36.08 -8.27 -24.65
CA ARG B 25 -35.32 -8.14 -23.41
C ARG B 25 -35.64 -6.76 -22.82
N LEU B 26 -35.59 -5.74 -23.68
CA LEU B 26 -35.98 -4.36 -23.32
C LEU B 26 -37.42 -4.25 -22.80
N ASP B 27 -38.36 -4.88 -23.52
CA ASP B 27 -39.77 -4.94 -23.08
C ASP B 27 -39.96 -5.72 -21.76
N LYS B 28 -39.05 -6.63 -21.45
CA LYS B 28 -39.06 -7.34 -20.17
C LYS B 28 -38.57 -6.39 -19.02
N PHE B 29 -37.55 -5.58 -19.30
CA PHE B 29 -37.09 -4.55 -18.35
C PHE B 29 -38.15 -3.46 -18.12
N LYS B 30 -38.69 -2.95 -19.22
CA LYS B 30 -39.75 -1.96 -19.12
C LYS B 30 -40.95 -2.46 -18.28
N GLN B 31 -41.28 -3.75 -18.36
CA GLN B 31 -42.42 -4.29 -17.61
C GLN B 31 -42.13 -4.56 -16.10
N LEU B 32 -40.88 -4.90 -15.77
CA LEU B 32 -40.46 -4.92 -14.36
C LEU B 32 -40.52 -3.54 -13.72
N LEU B 33 -39.95 -2.57 -14.42
CA LEU B 33 -39.84 -1.17 -13.92
C LEU B 33 -41.20 -0.48 -13.79
N ALA B 34 -42.13 -0.76 -14.71
CA ALA B 34 -43.47 -0.16 -14.66
C ALA B 34 -44.26 -0.61 -13.42
N GLY B 35 -43.87 -1.72 -12.80
CA GLY B 35 -44.42 -2.09 -11.51
C GLY B 35 -45.86 -2.59 -11.62
N PRO B 36 -46.73 -2.25 -10.65
CA PRO B 36 -46.62 -1.23 -9.60
C PRO B 36 -45.72 -1.57 -8.39
N ASN B 37 -45.23 -2.80 -8.30
CA ASN B 37 -44.26 -3.17 -7.26
C ASN B 37 -43.16 -4.04 -7.86
N THR B 38 -42.15 -3.38 -8.41
CA THR B 38 -41.04 -4.05 -9.08
C THR B 38 -40.37 -5.12 -8.22
N ASP B 39 -40.27 -6.32 -8.78
CA ASP B 39 -39.54 -7.40 -8.13
C ASP B 39 -38.03 -7.21 -8.38
N LEU B 40 -37.31 -6.74 -7.34
CA LEU B 40 -35.87 -6.43 -7.44
C LEU B 40 -35.04 -7.67 -7.62
N GLU B 41 -35.47 -8.79 -7.05
CA GLU B 41 -34.75 -10.05 -7.24
C GLU B 41 -34.71 -10.39 -8.73
N GLU B 42 -35.86 -10.29 -9.40
CA GLU B 42 -35.94 -10.59 -10.82
C GLU B 42 -35.20 -9.54 -11.66
N LEU B 43 -35.21 -8.29 -11.24
CA LEU B 43 -34.50 -7.21 -11.98
C LEU B 43 -32.98 -7.42 -11.93
N ARG B 44 -32.47 -7.81 -10.77
CA ARG B 44 -31.06 -8.17 -10.57
C ARG B 44 -30.60 -9.28 -11.49
N ARG B 45 -31.42 -10.31 -11.62
CA ARG B 45 -31.09 -11.48 -12.45
C ARG B 45 -31.04 -11.12 -13.94
N LEU B 46 -31.95 -10.24 -14.37
CA LEU B 46 -31.90 -9.75 -15.74
C LEU B 46 -30.66 -8.87 -15.94
N SER B 47 -30.45 -7.95 -15.02
CA SER B 47 -29.39 -6.93 -15.11
C SER B 47 -27.97 -7.49 -15.06
N TRP B 48 -27.81 -8.70 -14.50
CA TRP B 48 -26.48 -9.41 -14.42
C TRP B 48 -25.82 -9.49 -15.78
N SER B 49 -26.61 -9.76 -16.81
CA SER B 49 -26.12 -9.83 -18.19
C SER B 49 -26.11 -8.52 -18.97
N GLY B 50 -26.24 -7.40 -18.27
CA GLY B 50 -26.24 -6.09 -18.94
C GLY B 50 -27.61 -5.46 -19.02
N ILE B 51 -27.67 -4.14 -18.85
CA ILE B 51 -28.91 -3.39 -18.98
C ILE B 51 -28.96 -2.60 -20.28
N PRO B 52 -30.03 -2.81 -21.11
CA PRO B 52 -30.20 -1.98 -22.29
C PRO B 52 -30.16 -0.48 -21.96
N LYS B 53 -29.49 0.29 -22.82
CA LYS B 53 -29.24 1.69 -22.58
C LYS B 53 -30.51 2.47 -22.20
N PRO B 54 -31.62 2.29 -22.97
CA PRO B 54 -32.89 3.00 -22.68
C PRO B 54 -33.37 2.94 -21.22
N VAL B 55 -33.18 1.80 -20.57
CA VAL B 55 -33.68 1.59 -19.22
C VAL B 55 -32.58 1.65 -18.12
N ARG B 56 -31.33 1.87 -18.49
CA ARG B 56 -30.24 1.87 -17.51
C ARG B 56 -30.35 2.95 -16.44
N PRO B 57 -30.63 4.22 -16.84
CA PRO B 57 -30.73 5.16 -15.74
C PRO B 57 -31.69 4.68 -14.58
N MET B 58 -32.87 4.25 -14.94
CA MET B 58 -33.85 3.95 -13.91
C MET B 58 -33.50 2.62 -13.24
N THR B 59 -32.97 1.67 -13.99
CA THR B 59 -32.57 0.36 -13.40
C THR B 59 -31.51 0.61 -12.36
N TRP B 60 -30.52 1.45 -12.69
CA TRP B 60 -29.45 1.78 -11.74
C TRP B 60 -29.97 2.43 -10.48
N LYS B 61 -30.96 3.33 -10.59
CA LYS B 61 -31.57 3.95 -9.40
C LYS B 61 -32.38 2.97 -8.53
N LEU B 62 -32.95 1.94 -9.11
CA LEU B 62 -33.71 0.94 -8.36
C LEU B 62 -32.76 -0.08 -7.70
N LEU B 63 -31.75 -0.51 -8.42
CA LEU B 63 -30.78 -1.52 -7.92
C LEU B 63 -29.94 -1.00 -6.78
N SER B 64 -29.59 0.29 -6.79
CA SER B 64 -28.83 0.89 -5.72
C SER B 64 -29.64 1.31 -4.50
N GLY B 65 -30.96 1.24 -4.56
CA GLY B 65 -31.80 1.67 -3.47
C GLY B 65 -32.15 3.14 -3.39
N TYR B 66 -31.63 3.97 -4.32
CA TYR B 66 -31.97 5.38 -4.39
C TYR B 66 -33.51 5.56 -4.50
N LEU B 67 -34.11 4.88 -5.47
CA LEU B 67 -35.57 4.89 -5.65
C LEU B 67 -36.19 3.54 -5.23
N PRO B 68 -37.44 3.57 -4.69
CA PRO B 68 -38.13 2.35 -4.23
C PRO B 68 -38.83 1.54 -5.36
N ALA B 69 -39.00 0.25 -5.11
CA ALA B 69 -39.62 -0.66 -6.06
C ALA B 69 -41.11 -0.35 -6.21
N ASN B 70 -41.74 0.16 -5.14
CA ASN B 70 -43.14 0.67 -5.23
C ASN B 70 -43.18 1.99 -6.05
N VAL B 71 -43.76 1.92 -7.26
CA VAL B 71 -43.75 3.04 -8.23
C VAL B 71 -44.52 4.26 -7.74
N ASP B 72 -45.65 4.04 -7.06
CA ASP B 72 -46.42 5.14 -6.48
C ASP B 72 -45.61 5.98 -5.49
N ARG B 73 -44.54 5.39 -4.94
CA ARG B 73 -43.68 6.08 -3.96
C ARG B 73 -42.44 6.78 -4.56
N ARG B 74 -42.13 6.54 -5.82
CA ARG B 74 -40.92 7.12 -6.42
C ARG B 74 -40.90 8.67 -6.57
N PRO B 75 -42.04 9.31 -6.93
CA PRO B 75 -41.99 10.77 -7.15
C PRO B 75 -41.63 11.55 -5.89
N ALA B 76 -42.26 11.23 -4.76
CA ALA B 76 -41.99 11.87 -3.50
C ALA B 76 -40.53 11.65 -3.05
N THR B 77 -40.00 10.45 -3.25
CA THR B 77 -38.60 10.16 -2.92
C THR B 77 -37.63 10.99 -3.74
N LEU B 78 -37.75 10.89 -5.05
CA LEU B 78 -36.91 11.68 -5.95
C LEU B 78 -36.97 13.14 -5.57
N GLN B 79 -38.18 13.68 -5.35
CA GLN B 79 -38.29 15.12 -5.03
C GLN B 79 -37.60 15.42 -3.71
N ARG B 80 -37.87 14.62 -2.69
CA ARG B 80 -37.25 14.86 -1.40
C ARG B 80 -35.72 14.78 -1.46
N LYS B 81 -35.19 13.80 -2.17
CA LYS B 81 -33.75 13.59 -2.17
C LYS B 81 -33.06 14.65 -3.00
N GLN B 82 -33.66 15.01 -4.12
CA GLN B 82 -33.16 16.13 -4.90
C GLN B 82 -33.12 17.42 -4.10
N LYS B 83 -34.21 17.74 -3.37
CA LYS B 83 -34.26 18.97 -2.56
C LYS B 83 -33.26 18.98 -1.42
N GLU B 84 -33.06 17.85 -0.74
CA GLU B 84 -32.06 17.83 0.34
C GLU B 84 -30.61 17.97 -0.19
N TYR B 85 -30.31 17.50 -1.40
CA TYR B 85 -29.02 17.82 -2.01
C TYR B 85 -28.94 19.34 -2.33
N PHE B 86 -30.02 19.91 -2.86
CA PHE B 86 -30.03 21.37 -3.14
C PHE B 86 -29.84 22.21 -1.85
N ALA B 87 -30.38 21.73 -0.73
CA ALA B 87 -30.09 22.28 0.59
C ALA B 87 -28.60 22.21 0.97
N PHE B 88 -27.89 21.14 0.58
CA PHE B 88 -26.46 21.02 0.82
C PHE B 88 -25.71 22.09 0.07
N ILE B 89 -25.98 22.26 -1.22
CA ILE B 89 -25.30 23.28 -2.02
C ILE B 89 -25.46 24.66 -1.35
N GLU B 90 -26.68 24.97 -0.94
CA GLU B 90 -26.96 26.26 -0.28
C GLU B 90 -26.22 26.43 1.06
N HIS B 91 -26.22 25.38 1.88
CA HIS B 91 -25.56 25.42 3.19
C HIS B 91 -24.03 25.56 3.08
N TYR B 92 -23.36 24.48 2.66
CA TYR B 92 -21.88 24.43 2.67
C TYR B 92 -21.24 25.35 1.66
N TYR B 93 -21.85 25.42 0.50
CA TYR B 93 -21.17 25.87 -0.71
C TYR B 93 -21.47 27.34 -1.00
N HIS B 101 -11.42 23.55 5.02
CA HIS B 101 -11.98 23.06 3.76
C HIS B 101 -11.35 23.66 2.49
N GLN B 102 -10.40 24.59 2.65
CA GLN B 102 -9.71 25.14 1.48
C GLN B 102 -8.79 24.08 0.88
N ASP B 103 -8.25 23.20 1.72
CA ASP B 103 -7.30 22.17 1.26
C ASP B 103 -7.96 20.97 0.58
N THR B 104 -9.17 20.65 1.01
CA THR B 104 -10.00 19.67 0.32
C THR B 104 -10.28 20.20 -1.05
N TYR B 105 -10.68 21.47 -1.10
CA TYR B 105 -11.04 22.07 -2.34
C TYR B 105 -9.84 22.13 -3.27
N ARG B 106 -8.68 22.56 -2.76
CA ARG B 106 -7.44 22.68 -3.58
C ARG B 106 -7.10 21.37 -4.27
N GLN B 107 -7.17 20.26 -3.52
CA GLN B 107 -6.94 18.90 -4.08
C GLN B 107 -7.91 18.52 -5.20
N ILE B 108 -9.20 18.76 -4.96
CA ILE B 108 -10.24 18.43 -5.95
C ILE B 108 -10.00 19.25 -7.21
N HIS B 109 -9.68 20.52 -7.03
CA HIS B 109 -9.46 21.46 -8.12
C HIS B 109 -8.25 21.11 -8.99
N ILE B 110 -7.24 20.46 -8.41
CA ILE B 110 -6.10 19.95 -9.20
C ILE B 110 -6.48 18.71 -10.02
N ASP B 111 -7.16 17.75 -9.39
CA ASP B 111 -7.48 16.46 -10.03
C ASP B 111 -8.56 16.48 -11.09
N ILE B 112 -9.66 17.21 -10.88
CA ILE B 112 -10.81 17.12 -11.82
C ILE B 112 -10.44 17.57 -13.24
N PRO B 113 -9.80 18.74 -13.39
CA PRO B 113 -9.48 19.18 -14.76
C PRO B 113 -8.56 18.22 -15.50
N ARG B 114 -7.93 17.32 -14.75
CA ARG B 114 -6.99 16.32 -15.27
C ARG B 114 -7.57 14.99 -15.63
N MET B 115 -8.76 14.69 -15.14
CA MET B 115 -9.27 13.32 -15.25
C MET B 115 -9.73 12.94 -16.68
N SER B 116 -10.05 11.66 -16.84
CA SER B 116 -10.46 11.07 -18.09
C SER B 116 -11.97 10.76 -17.99
N PRO B 117 -12.72 10.85 -19.11
CA PRO B 117 -12.33 11.21 -20.48
C PRO B 117 -12.35 12.70 -20.73
N GLU B 118 -11.30 13.21 -21.37
CA GLU B 118 -11.01 14.66 -21.42
C GLU B 118 -12.06 15.50 -22.15
N ALA B 119 -12.57 14.98 -23.27
CA ALA B 119 -13.55 15.70 -24.09
C ALA B 119 -14.80 16.08 -23.27
N LEU B 120 -15.31 15.13 -22.49
CA LEU B 120 -16.36 15.41 -21.48
C LEU B 120 -15.94 16.42 -20.38
N ILE B 121 -14.89 16.09 -19.64
CA ILE B 121 -14.53 16.85 -18.42
C ILE B 121 -14.08 18.27 -18.74
N LEU B 122 -13.58 18.46 -19.97
CA LEU B 122 -13.16 19.78 -20.47
C LEU B 122 -14.31 20.77 -20.70
N GLN B 123 -15.56 20.29 -20.67
CA GLN B 123 -16.73 21.17 -20.83
C GLN B 123 -16.95 21.85 -19.49
N PRO B 124 -17.11 23.19 -19.50
CA PRO B 124 -16.86 23.99 -18.27
C PRO B 124 -17.87 23.76 -17.16
N LYS B 125 -19.10 23.41 -17.56
CA LYS B 125 -20.10 23.07 -16.59
C LYS B 125 -19.77 21.72 -15.92
N VAL B 126 -19.17 20.80 -16.68
CA VAL B 126 -18.89 19.47 -16.17
C VAL B 126 -17.85 19.52 -15.03
N THR B 127 -16.78 20.30 -15.20
CA THR B 127 -15.76 20.42 -14.14
C THR B 127 -16.39 20.92 -12.85
N GLU B 128 -17.15 22.00 -12.97
CA GLU B 128 -17.92 22.59 -11.86
C GLU B 128 -18.86 21.59 -11.14
N ILE B 129 -19.61 20.79 -11.90
CA ILE B 129 -20.52 19.79 -11.28
C ILE B 129 -19.72 18.76 -10.50
N PHE B 130 -18.66 18.25 -11.11
CA PHE B 130 -17.79 17.22 -10.48
C PHE B 130 -17.15 17.72 -9.17
N GLU B 131 -16.67 18.97 -9.17
CA GLU B 131 -16.03 19.54 -7.96
C GLU B 131 -17.04 19.77 -6.86
N ARG B 132 -18.28 20.13 -7.23
CA ARG B 132 -19.32 20.37 -6.25
C ARG B 132 -19.76 19.08 -5.58
N ILE B 133 -20.04 18.05 -6.39
CA ILE B 133 -20.46 16.71 -5.86
C ILE B 133 -19.41 16.13 -4.90
N LEU B 134 -18.16 16.19 -5.32
CA LEU B 134 -17.05 15.66 -4.53
C LEU B 134 -16.79 16.49 -3.31
N PHE B 135 -16.88 17.80 -3.47
CA PHE B 135 -16.66 18.65 -2.29
C PHE B 135 -17.71 18.38 -1.21
N ILE B 136 -18.98 18.30 -1.62
CA ILE B 136 -20.07 18.05 -0.68
C ILE B 136 -19.98 16.65 -0.06
N TRP B 137 -19.62 15.66 -0.86
CA TRP B 137 -19.39 14.32 -0.30
C TRP B 137 -18.31 14.35 0.79
N ALA B 138 -17.17 14.96 0.47
CA ALA B 138 -16.01 15.00 1.35
C ALA B 138 -16.38 15.60 2.72
N ILE B 139 -17.08 16.73 2.72
CA ILE B 139 -17.41 17.42 3.96
C ILE B 139 -18.39 16.62 4.81
N ARG B 140 -19.38 16.01 4.18
CA ARG B 140 -20.35 15.18 4.89
C ARG B 140 -19.88 13.76 5.25
N HIS B 141 -18.69 13.37 4.83
CA HIS B 141 -18.12 12.11 5.30
C HIS B 141 -16.72 12.39 5.84
N PRO B 142 -16.63 13.03 7.03
CA PRO B 142 -15.34 13.55 7.54
C PRO B 142 -14.30 12.46 7.87
N ALA B 143 -14.76 11.27 8.25
CA ALA B 143 -13.84 10.12 8.44
C ALA B 143 -13.01 9.79 7.18
N SER B 144 -13.51 10.15 5.99
CA SER B 144 -12.79 9.85 4.76
C SER B 144 -12.20 11.09 4.14
N GLY B 145 -13.06 12.10 3.94
CA GLY B 145 -12.66 13.30 3.21
C GLY B 145 -12.58 12.98 1.73
N TYR B 146 -11.85 13.83 0.98
CA TYR B 146 -11.56 13.57 -0.41
C TYR B 146 -10.31 12.71 -0.56
N VAL B 147 -10.41 11.70 -1.42
CA VAL B 147 -9.30 10.79 -1.68
C VAL B 147 -9.28 10.58 -3.17
N GLN B 148 -8.14 10.84 -3.82
CA GLN B 148 -8.09 10.68 -5.28
C GLN B 148 -8.45 9.24 -5.65
N GLY B 149 -9.28 9.09 -6.68
CA GLY B 149 -9.95 7.82 -6.97
C GLY B 149 -11.46 7.91 -6.86
N ILE B 150 -11.94 8.48 -5.75
CA ILE B 150 -13.38 8.79 -5.59
C ILE B 150 -13.87 9.67 -6.71
N ASN B 151 -13.02 10.58 -7.22
CA ASN B 151 -13.41 11.41 -8.37
C ASN B 151 -13.90 10.60 -9.57
N ASP B 152 -13.18 9.52 -9.87
CA ASP B 152 -13.49 8.65 -11.00
C ASP B 152 -14.86 8.03 -10.84
N LEU B 153 -15.27 7.80 -9.60
CA LEU B 153 -16.56 7.11 -9.35
C LEU B 153 -17.78 7.97 -9.71
N VAL B 154 -17.57 9.29 -9.86
CA VAL B 154 -18.65 10.20 -10.29
C VAL B 154 -19.08 9.87 -11.71
N THR B 155 -18.10 9.60 -12.57
CA THR B 155 -18.31 9.71 -14.02
C THR B 155 -19.30 8.75 -14.65
N PRO B 156 -19.29 7.47 -14.23
CA PRO B 156 -20.27 6.60 -14.87
C PRO B 156 -21.73 6.97 -14.52
N PHE B 157 -21.99 7.41 -13.30
CA PHE B 157 -23.33 7.88 -12.90
C PHE B 157 -23.75 9.08 -13.71
N PHE B 158 -22.91 10.11 -13.71
CA PHE B 158 -23.15 11.32 -14.53
C PHE B 158 -23.40 11.00 -16.01
N VAL B 159 -22.56 10.17 -16.60
CA VAL B 159 -22.68 9.87 -18.02
C VAL B 159 -23.95 9.07 -18.35
N VAL B 160 -24.26 8.09 -17.51
CA VAL B 160 -25.45 7.30 -17.66
C VAL B 160 -26.72 8.19 -17.47
N PHE B 161 -26.71 9.04 -16.43
CA PHE B 161 -27.86 9.92 -16.18
C PHE B 161 -28.05 11.04 -17.20
N ILE B 162 -26.95 11.67 -17.66
CA ILE B 162 -26.99 12.68 -18.72
C ILE B 162 -27.47 12.11 -20.08
N CYS B 163 -27.17 10.85 -20.38
CA CYS B 163 -27.49 10.29 -21.69
C CYS B 163 -28.99 10.19 -21.96
N GLU B 164 -29.78 10.12 -20.89
CA GLU B 164 -31.23 10.14 -21.00
C GLU B 164 -31.77 11.43 -21.64
N TYR B 165 -30.95 12.47 -21.69
CA TYR B 165 -31.38 13.80 -22.10
C TYR B 165 -30.55 14.41 -23.20
N ILE B 166 -29.81 13.60 -23.95
CA ILE B 166 -28.99 14.08 -25.07
C ILE B 166 -29.02 13.02 -26.17
N GLU B 167 -28.55 13.37 -27.37
CA GLU B 167 -28.41 12.37 -28.46
C GLU B 167 -26.95 12.14 -28.84
N VAL B 174 -20.87 13.35 -27.28
CA VAL B 174 -21.41 13.41 -25.91
C VAL B 174 -21.20 14.81 -25.33
N ASP B 175 -22.22 15.65 -25.50
CA ASP B 175 -22.07 17.08 -25.33
C ASP B 175 -23.14 17.61 -24.37
N VAL B 176 -22.70 18.29 -23.31
CA VAL B 176 -23.50 18.78 -22.19
C VAL B 176 -24.15 20.16 -22.42
N SER B 177 -23.84 20.81 -23.54
CA SER B 177 -24.13 22.26 -23.73
C SER B 177 -25.63 22.60 -23.95
N GLY B 178 -26.36 21.72 -24.63
CA GLY B 178 -27.78 21.96 -24.91
C GLY B 178 -28.74 21.49 -23.82
N VAL B 179 -28.20 21.00 -22.69
CA VAL B 179 -29.03 20.44 -21.60
C VAL B 179 -29.48 21.58 -20.69
N PRO B 180 -30.81 21.73 -20.43
CA PRO B 180 -31.28 22.83 -19.55
C PRO B 180 -30.77 22.72 -18.14
N ALA B 181 -30.63 23.89 -17.48
CA ALA B 181 -29.92 23.96 -16.18
C ALA B 181 -30.67 23.24 -15.08
N GLU B 182 -32.00 23.29 -15.14
CA GLU B 182 -32.86 22.61 -14.20
C GLU B 182 -32.66 21.07 -14.25
N VAL B 183 -32.61 20.54 -15.46
CA VAL B 183 -32.36 19.11 -15.67
C VAL B 183 -30.95 18.73 -15.21
N LEU B 184 -29.99 19.59 -15.50
CA LEU B 184 -28.60 19.39 -15.09
C LEU B 184 -28.42 19.30 -13.54
N CYS B 185 -29.15 20.11 -12.79
CA CYS B 185 -29.13 20.07 -11.33
C CYS B 185 -29.72 18.79 -10.74
N ASN B 186 -30.78 18.29 -11.38
CA ASN B 186 -31.38 17.03 -11.00
C ASN B 186 -30.41 15.85 -11.20
N ILE B 187 -29.76 15.84 -12.35
CA ILE B 187 -28.75 14.84 -12.70
C ILE B 187 -27.58 14.89 -11.72
N GLU B 188 -27.25 16.09 -11.24
CA GLU B 188 -26.18 16.24 -10.27
C GLU B 188 -26.54 15.63 -8.94
N ALA B 189 -27.74 15.95 -8.45
CA ALA B 189 -28.36 15.32 -7.26
C ALA B 189 -28.41 13.80 -7.33
N ASP B 190 -28.97 13.25 -8.42
CA ASP B 190 -29.07 11.80 -8.60
C ASP B 190 -27.71 11.16 -8.58
N THR B 191 -26.75 11.80 -9.24
CA THR B 191 -25.39 11.35 -9.26
C THR B 191 -24.84 11.30 -7.88
N TYR B 192 -24.98 12.38 -7.11
CA TYR B 192 -24.49 12.43 -5.72
C TYR B 192 -25.01 11.24 -4.85
N TRP B 193 -26.33 10.96 -4.92
CA TRP B 193 -26.95 9.97 -4.04
C TRP B 193 -26.59 8.56 -4.49
N CYS B 194 -26.47 8.34 -5.79
CA CYS B 194 -26.14 7.02 -6.29
C CYS B 194 -24.68 6.65 -6.08
N MET B 195 -23.79 7.64 -6.28
CA MET B 195 -22.37 7.49 -5.92
C MET B 195 -22.25 7.25 -4.41
N SER B 196 -23.08 7.91 -3.62
CA SER B 196 -23.03 7.77 -2.20
C SER B 196 -23.43 6.35 -1.74
N LYS B 197 -24.36 5.70 -2.45
CA LYS B 197 -24.80 4.35 -2.08
C LYS B 197 -23.69 3.30 -2.38
N LEU B 198 -22.95 3.53 -3.46
CA LEU B 198 -21.83 2.72 -3.88
C LEU B 198 -20.70 2.87 -2.85
N LEU B 199 -20.46 4.09 -2.39
CA LEU B 199 -19.43 4.32 -1.39
C LEU B 199 -19.81 3.80 0.00
N ASP B 200 -21.10 3.81 0.33
CA ASP B 200 -21.58 3.17 1.58
C ASP B 200 -21.17 1.73 1.68
N GLY B 201 -21.11 1.02 0.55
CA GLY B 201 -20.69 -0.39 0.54
C GLY B 201 -19.19 -0.64 0.58
N ILE B 202 -18.37 0.35 0.21
CA ILE B 202 -16.89 0.19 0.23
C ILE B 202 -16.15 1.23 1.12
N GLN B 203 -16.72 1.44 2.31
CA GLN B 203 -16.37 2.52 3.25
C GLN B 203 -14.91 2.52 3.75
N ASP B 204 -14.40 1.32 4.04
CA ASP B 204 -13.02 1.15 4.52
C ASP B 204 -11.96 1.46 3.46
N ASN B 205 -12.36 1.48 2.18
CA ASN B 205 -11.43 1.80 1.09
C ASN B 205 -10.85 3.22 1.17
N TYR B 206 -11.60 4.13 1.84
CA TYR B 206 -11.28 5.55 1.85
C TYR B 206 -11.23 6.23 3.26
N THR B 207 -11.26 5.45 4.33
CA THR B 207 -10.97 5.98 5.64
C THR B 207 -9.46 6.11 5.76
N PHE B 208 -9.00 6.69 6.86
CA PHE B 208 -7.56 6.93 7.13
C PHE B 208 -6.66 5.73 6.80
N ALA B 209 -5.68 5.98 5.93
CA ALA B 209 -4.70 4.98 5.47
C ALA B 209 -5.28 3.94 4.49
N GLN B 210 -6.57 4.09 4.15
CA GLN B 210 -7.28 3.24 3.19
C GLN B 210 -7.17 1.71 3.39
N PRO B 211 -7.49 1.21 4.61
CA PRO B 211 -7.34 -0.21 4.96
C PRO B 211 -8.03 -1.19 4.02
N GLY B 212 -9.18 -0.82 3.49
CA GLY B 212 -9.86 -1.65 2.52
C GLY B 212 -9.05 -1.95 1.26
N ILE B 213 -8.23 -0.99 0.82
CA ILE B 213 -7.48 -1.17 -0.40
C ILE B 213 -6.35 -2.22 -0.19
N GLN B 214 -5.53 -2.03 0.83
CA GLN B 214 -4.48 -3.00 1.16
C GLN B 214 -5.03 -4.41 1.43
N MET B 215 -6.09 -4.51 2.23
CA MET B 215 -6.74 -5.76 2.45
C MET B 215 -7.15 -6.45 1.12
N LYS B 216 -7.77 -5.67 0.24
CA LYS B 216 -8.22 -6.19 -1.06
C LYS B 216 -7.06 -6.61 -1.97
N VAL B 217 -5.98 -5.83 -2.04
CA VAL B 217 -4.84 -6.23 -2.88
C VAL B 217 -4.17 -7.54 -2.37
N LYS B 218 -4.13 -7.69 -1.06
CA LYS B 218 -3.60 -8.92 -0.47
C LYS B 218 -4.51 -10.12 -0.74
N MET B 219 -5.84 -9.95 -0.63
CA MET B 219 -6.80 -11.02 -0.99
C MET B 219 -6.69 -11.34 -2.48
N LEU B 220 -6.45 -10.33 -3.34
CA LEU B 220 -6.18 -10.57 -4.77
C LEU B 220 -4.94 -11.49 -4.96
N GLU B 221 -3.89 -11.22 -4.21
CA GLU B 221 -2.67 -12.01 -4.26
C GLU B 221 -2.93 -13.46 -3.83
N GLU B 222 -3.60 -13.67 -2.71
CA GLU B 222 -3.97 -15.05 -2.25
C GLU B 222 -4.85 -15.83 -3.28
N LEU B 223 -5.81 -15.11 -3.86
CA LEU B 223 -6.71 -15.66 -4.89
C LEU B 223 -5.93 -16.14 -6.10
N VAL B 224 -5.04 -15.31 -6.64
CA VAL B 224 -4.22 -15.64 -7.83
C VAL B 224 -3.13 -16.74 -7.59
N SER B 225 -2.50 -16.75 -6.43
CA SER B 225 -1.56 -17.84 -6.09
C SER B 225 -2.24 -19.23 -6.18
N ARG B 226 -3.55 -19.27 -5.90
CA ARG B 226 -4.38 -20.48 -5.96
C ARG B 226 -4.93 -20.84 -7.34
N ILE B 227 -5.43 -19.85 -8.09
CA ILE B 227 -6.01 -20.11 -9.42
C ILE B 227 -4.96 -20.12 -10.54
N ASP B 228 -3.90 -19.33 -10.39
CA ASP B 228 -2.85 -19.27 -11.39
C ASP B 228 -1.43 -19.13 -10.79
N GLU B 229 -0.96 -20.22 -10.18
CA GLU B 229 0.32 -20.25 -9.50
C GLU B 229 1.47 -19.80 -10.40
N GLN B 230 1.32 -20.00 -11.68
CA GLN B 230 2.35 -19.66 -12.65
C GLN B 230 2.49 -18.18 -12.96
N VAL B 231 1.37 -17.46 -12.98
CA VAL B 231 1.44 -16.01 -13.15
C VAL B 231 1.97 -15.41 -11.83
N HIS B 232 1.47 -15.91 -10.70
CA HIS B 232 1.86 -15.48 -9.36
C HIS B 232 3.39 -15.58 -9.09
N ARG B 233 3.97 -16.72 -9.48
CA ARG B 233 5.41 -16.98 -9.33
C ARG B 233 6.25 -16.15 -10.27
N HIS B 234 5.76 -15.92 -11.46
CA HIS B 234 6.50 -15.09 -12.42
C HIS B 234 6.60 -13.62 -11.93
N LEU B 235 5.53 -13.12 -11.32
CA LEU B 235 5.53 -11.78 -10.69
C LEU B 235 6.57 -11.72 -9.56
N ASP B 236 6.56 -12.69 -8.66
CA ASP B 236 7.51 -12.75 -7.56
C ASP B 236 8.92 -12.91 -8.08
N GLN B 237 9.08 -13.72 -9.13
CA GLN B 237 10.38 -13.97 -9.72
C GLN B 237 10.97 -12.69 -10.35
N HIS B 238 10.11 -11.86 -10.93
CA HIS B 238 10.53 -10.59 -11.51
C HIS B 238 10.32 -9.37 -10.58
N GLU B 239 10.12 -9.65 -9.30
CA GLU B 239 9.99 -8.63 -8.23
C GLU B 239 8.92 -7.54 -8.51
N VAL B 240 7.78 -7.96 -9.05
CA VAL B 240 6.61 -7.11 -9.12
C VAL B 240 5.67 -7.47 -7.96
N ARG B 241 5.35 -6.44 -7.15
CA ARG B 241 4.38 -6.57 -6.05
C ARG B 241 2.99 -6.26 -6.59
N TYR B 242 1.97 -6.98 -6.12
CA TYR B 242 0.59 -6.77 -6.57
C TYR B 242 0.15 -5.32 -6.33
N LEU B 243 0.54 -4.78 -5.18
CA LEU B 243 0.27 -3.40 -4.79
C LEU B 243 0.76 -2.37 -5.79
N GLN B 244 1.88 -2.67 -6.45
CA GLN B 244 2.43 -1.78 -7.47
C GLN B 244 1.58 -1.57 -8.73
N PHE B 245 0.74 -2.53 -9.10
CA PHE B 245 -0.19 -2.30 -10.23
C PHE B 245 -1.67 -2.31 -9.80
N ALA B 246 -1.99 -3.16 -8.82
CA ALA B 246 -3.36 -3.43 -8.36
C ALA B 246 -3.97 -2.42 -7.39
N PHE B 247 -3.17 -1.55 -6.76
CA PHE B 247 -3.71 -0.49 -5.90
C PHE B 247 -4.75 0.35 -6.66
N ARG B 248 -4.37 0.78 -7.83
CA ARG B 248 -5.20 1.51 -8.76
C ARG B 248 -6.44 0.72 -9.24
N TRP B 249 -6.26 -0.60 -9.47
CA TRP B 249 -7.39 -1.48 -9.80
C TRP B 249 -8.46 -1.48 -8.68
N MET B 250 -8.05 -1.45 -7.43
CA MET B 250 -8.99 -1.36 -6.32
C MET B 250 -9.48 0.06 -6.07
N ASN B 251 -8.56 1.01 -6.07
CA ASN B 251 -8.85 2.41 -5.68
C ASN B 251 -9.83 3.07 -6.65
N ASN B 252 -9.59 2.84 -7.96
CA ASN B 252 -10.42 3.38 -8.98
C ASN B 252 -11.42 2.38 -9.59
N LEU B 253 -11.60 1.19 -8.99
CA LEU B 253 -12.52 0.11 -9.44
C LEU B 253 -12.36 -0.27 -10.94
N LEU B 254 -11.11 -0.52 -11.31
CA LEU B 254 -10.68 -0.81 -12.67
C LEU B 254 -10.87 0.27 -13.71
N MET B 255 -11.35 1.45 -13.32
CA MET B 255 -11.69 2.48 -14.28
C MET B 255 -10.51 3.09 -15.02
N ARG B 256 -9.31 3.00 -14.46
CA ARG B 256 -8.12 3.47 -15.18
C ARG B 256 -7.52 2.41 -16.12
N GLU B 257 -8.17 1.25 -16.26
CA GLU B 257 -7.60 0.12 -17.01
C GLU B 257 -8.46 -0.33 -18.19
N VAL B 258 -9.68 0.21 -18.30
CA VAL B 258 -10.60 -0.12 -19.39
C VAL B 258 -11.39 1.12 -19.76
N PRO B 259 -11.94 1.16 -20.98
CA PRO B 259 -12.78 2.32 -21.38
C PRO B 259 -14.00 2.56 -20.50
N LEU B 260 -14.46 3.81 -20.45
CA LEU B 260 -15.69 4.18 -19.74
C LEU B 260 -16.90 3.35 -20.16
N ARG B 261 -17.10 3.13 -21.45
CA ARG B 261 -18.16 2.20 -21.87
C ARG B 261 -18.13 0.85 -21.16
N CYS B 262 -16.93 0.30 -20.97
CA CYS B 262 -16.75 -1.00 -20.33
C CYS B 262 -17.00 -0.89 -18.82
N THR B 263 -16.58 0.21 -18.20
CA THR B 263 -16.94 0.48 -16.78
C THR B 263 -18.47 0.44 -16.58
N ILE B 264 -19.21 1.13 -17.42
CA ILE B 264 -20.68 1.19 -17.27
C ILE B 264 -21.31 -0.20 -17.31
N ARG B 265 -20.84 -1.04 -18.24
CA ARG B 265 -21.28 -2.41 -18.39
C ARG B 265 -20.88 -3.27 -17.22
N LEU B 266 -19.65 -3.14 -16.80
CA LEU B 266 -19.19 -3.78 -15.58
C LEU B 266 -20.12 -3.46 -14.41
N TRP B 267 -20.46 -2.19 -14.25
CA TRP B 267 -21.26 -1.78 -13.11
C TRP B 267 -22.75 -2.21 -13.19
N ASP B 268 -23.23 -2.60 -14.37
CA ASP B 268 -24.54 -3.29 -14.46
C ASP B 268 -24.49 -4.52 -13.54
N THR B 269 -23.45 -5.32 -13.69
CA THR B 269 -23.32 -6.54 -12.90
C THR B 269 -23.01 -6.30 -11.43
N TYR B 270 -22.13 -5.35 -11.17
CA TYR B 270 -21.79 -5.01 -9.80
C TYR B 270 -23.02 -4.57 -9.00
N GLN B 271 -23.92 -3.84 -9.65
CA GLN B 271 -25.17 -3.47 -8.99
C GLN B 271 -26.19 -4.63 -8.85
N SER B 272 -26.06 -5.67 -9.67
CA SER B 272 -26.92 -6.89 -9.64
C SER B 272 -26.45 -7.97 -8.66
N GLU B 273 -25.13 -8.16 -8.58
CA GLU B 273 -24.50 -9.16 -7.68
C GLU B 273 -24.43 -8.63 -6.24
N PRO B 274 -24.69 -9.51 -5.24
CA PRO B 274 -24.58 -9.09 -3.83
C PRO B 274 -23.14 -8.76 -3.42
N ASP B 275 -22.95 -7.58 -2.81
CA ASP B 275 -21.65 -7.05 -2.48
C ASP B 275 -20.81 -6.99 -3.78
N GLY B 276 -21.43 -6.50 -4.86
CA GLY B 276 -20.76 -6.39 -6.18
C GLY B 276 -19.44 -5.65 -6.14
N PHE B 277 -19.48 -4.42 -5.68
CA PHE B 277 -18.32 -3.53 -5.69
C PHE B 277 -17.33 -3.94 -4.61
N SER B 278 -17.85 -4.55 -3.57
CA SER B 278 -17.12 -4.91 -2.36
C SER B 278 -16.30 -6.19 -2.54
N HIS B 279 -16.98 -7.23 -2.97
CA HIS B 279 -16.46 -8.59 -2.97
C HIS B 279 -16.32 -9.12 -4.38
N PHE B 280 -17.36 -8.97 -5.21
CA PHE B 280 -17.27 -9.57 -6.56
C PHE B 280 -16.14 -8.93 -7.41
N HIS B 281 -15.81 -7.66 -7.14
CA HIS B 281 -14.72 -6.91 -7.87
C HIS B 281 -13.37 -7.57 -7.72
N LEU B 282 -13.15 -8.24 -6.60
CA LEU B 282 -11.92 -8.99 -6.35
C LEU B 282 -11.75 -10.12 -7.39
N TYR B 283 -12.85 -10.79 -7.76
CA TYR B 283 -12.81 -11.90 -8.72
C TYR B 283 -12.63 -11.38 -10.12
N VAL B 284 -13.18 -10.20 -10.40
CA VAL B 284 -13.05 -9.56 -11.72
C VAL B 284 -11.57 -9.15 -11.97
N CYS B 285 -10.94 -8.62 -10.93
CA CYS B 285 -9.51 -8.28 -10.94
C CYS B 285 -8.63 -9.52 -11.19
N ALA B 286 -8.92 -10.62 -10.52
CA ALA B 286 -8.20 -11.88 -10.76
C ALA B 286 -8.34 -12.36 -12.23
N ALA B 287 -9.55 -12.27 -12.77
CA ALA B 287 -9.82 -12.72 -14.12
C ALA B 287 -9.18 -11.78 -15.13
N PHE B 288 -9.14 -10.49 -14.80
CA PHE B 288 -8.45 -9.48 -15.60
C PHE B 288 -6.95 -9.77 -15.72
N LEU B 289 -6.31 -10.01 -14.59
CA LEU B 289 -4.85 -10.37 -14.59
C LEU B 289 -4.61 -11.64 -15.43
N VAL B 290 -5.39 -12.68 -15.15
CA VAL B 290 -5.28 -13.99 -15.78
C VAL B 290 -5.52 -13.94 -17.29
N ARG B 291 -6.42 -13.06 -17.73
CA ARG B 291 -6.70 -12.76 -19.14
C ARG B 291 -5.45 -12.48 -19.99
N TRP B 292 -4.47 -11.78 -19.40
CA TRP B 292 -3.18 -11.47 -20.06
C TRP B 292 -2.05 -12.40 -19.68
N ARG B 293 -2.36 -13.62 -19.23
CA ARG B 293 -1.29 -14.49 -18.80
C ARG B 293 -0.21 -14.72 -19.88
N LYS B 294 -0.60 -14.82 -21.15
CA LYS B 294 0.40 -15.07 -22.21
C LYS B 294 1.39 -13.91 -22.29
N GLU B 295 0.88 -12.68 -22.28
CA GLU B 295 1.72 -11.48 -22.38
C GLU B 295 2.61 -11.26 -21.13
N ILE B 296 2.06 -11.55 -19.95
CA ILE B 296 2.81 -11.51 -18.67
C ILE B 296 3.98 -12.51 -18.58
N LEU B 297 3.72 -13.79 -18.83
CA LEU B 297 4.77 -14.82 -18.68
C LEU B 297 5.83 -14.69 -19.74
N GLU B 298 5.53 -13.91 -20.77
CA GLU B 298 6.45 -13.61 -21.87
C GLU B 298 7.51 -12.53 -21.54
N GLU B 299 7.19 -11.59 -20.63
CA GLU B 299 8.13 -10.50 -20.25
C GLU B 299 9.06 -10.92 -19.11
N LYS B 300 10.37 -10.68 -19.30
CA LYS B 300 11.40 -11.07 -18.32
C LYS B 300 12.19 -9.89 -17.71
N ASP B 301 11.90 -8.66 -18.11
CA ASP B 301 12.40 -7.46 -17.41
C ASP B 301 11.38 -7.00 -16.37
N PHE B 302 11.84 -6.54 -15.22
CA PHE B 302 10.95 -6.05 -14.16
C PHE B 302 10.18 -4.81 -14.60
N GLN B 303 10.85 -3.96 -15.40
CA GLN B 303 10.35 -2.62 -15.81
C GLN B 303 9.36 -2.63 -16.94
N GLU B 304 9.57 -3.52 -17.91
CA GLU B 304 8.61 -3.74 -19.00
C GLU B 304 7.39 -4.50 -18.47
N LEU B 305 7.62 -5.48 -17.60
CA LEU B 305 6.55 -6.22 -16.94
C LEU B 305 5.61 -5.26 -16.14
N LEU B 306 6.16 -4.41 -15.27
CA LEU B 306 5.32 -3.45 -14.49
C LEU B 306 4.58 -2.47 -15.42
N LEU B 307 5.29 -1.98 -16.43
CA LEU B 307 4.72 -1.02 -17.38
C LEU B 307 3.56 -1.62 -18.15
N PHE B 308 3.72 -2.87 -18.59
CA PHE B 308 2.66 -3.61 -19.31
C PHE B 308 1.43 -3.75 -18.42
N LEU B 309 1.64 -4.19 -17.18
CA LEU B 309 0.53 -4.30 -16.21
C LEU B 309 -0.23 -2.96 -15.98
N GLN B 310 0.47 -1.83 -16.13
CA GLN B 310 -0.12 -0.49 -16.00
C GLN B 310 -0.65 0.09 -17.32
N ASN B 311 -0.56 -0.68 -18.40
CA ASN B 311 -0.91 -0.18 -19.74
C ASN B 311 -1.41 -1.31 -20.60
N LEU B 312 -2.46 -1.99 -20.11
CA LEU B 312 -3.02 -3.16 -20.78
C LEU B 312 -3.82 -2.80 -22.06
N PRO B 313 -3.69 -3.61 -23.13
CA PRO B 313 -4.32 -3.29 -24.44
C PRO B 313 -5.86 -3.44 -24.47
N THR B 314 -6.57 -2.64 -23.69
CA THR B 314 -8.00 -2.73 -23.64
C THR B 314 -8.71 -1.61 -24.41
N ALA B 315 -7.98 -0.68 -25.05
CA ALA B 315 -8.64 0.52 -25.69
C ALA B 315 -9.73 0.18 -26.73
N HIS B 316 -9.70 -1.03 -27.26
CA HIS B 316 -10.72 -1.43 -28.23
CA HIS B 316 -10.63 -1.54 -28.26
C HIS B 316 -11.78 -2.35 -27.63
N TRP B 317 -11.67 -2.63 -26.33
CA TRP B 317 -12.66 -3.49 -25.65
C TRP B 317 -14.11 -3.05 -25.73
N ASP B 318 -15.01 -4.01 -25.68
CA ASP B 318 -16.43 -3.72 -25.75
C ASP B 318 -17.24 -4.63 -24.84
N ASP B 319 -18.57 -4.59 -24.95
CA ASP B 319 -19.48 -5.34 -24.06
C ASP B 319 -19.17 -6.83 -23.98
N GLU B 320 -18.70 -7.38 -25.08
CA GLU B 320 -18.44 -8.81 -25.19
C GLU B 320 -17.18 -9.12 -24.42
N ASP B 321 -16.20 -8.22 -24.46
CA ASP B 321 -14.97 -8.42 -23.71
C ASP B 321 -15.27 -8.38 -22.21
N ILE B 322 -16.20 -7.53 -21.78
CA ILE B 322 -16.60 -7.46 -20.38
C ILE B 322 -17.47 -8.61 -19.92
N SER B 323 -18.40 -9.08 -20.78
CA SER B 323 -19.18 -10.27 -20.50
C SER B 323 -18.30 -11.51 -20.32
N LEU B 324 -17.26 -11.65 -21.13
CA LEU B 324 -16.32 -12.77 -20.93
C LEU B 324 -15.65 -12.67 -19.56
N LEU B 325 -15.13 -11.49 -19.24
CA LEU B 325 -14.45 -11.22 -17.99
C LEU B 325 -15.35 -11.58 -16.80
N LEU B 326 -16.61 -11.19 -16.90
CA LEU B 326 -17.56 -11.38 -15.78
C LEU B 326 -17.89 -12.85 -15.59
N ALA B 327 -18.04 -13.56 -16.70
CA ALA B 327 -18.22 -15.03 -16.71
C ALA B 327 -17.06 -15.79 -16.06
N GLU B 328 -15.82 -15.43 -16.36
CA GLU B 328 -14.64 -16.05 -15.71
CA GLU B 328 -14.66 -16.06 -15.71
C GLU B 328 -14.59 -15.69 -14.22
N ALA B 329 -14.89 -14.42 -13.89
CA ALA B 329 -14.86 -14.00 -12.46
C ALA B 329 -15.86 -14.82 -11.64
N TYR B 330 -17.01 -15.09 -12.26
CA TYR B 330 -18.05 -15.89 -11.63
C TYR B 330 -17.57 -17.36 -11.40
N ARG B 331 -16.86 -17.91 -12.37
CA ARG B 331 -16.26 -19.24 -12.21
C ARG B 331 -15.25 -19.24 -11.05
N LEU B 332 -14.41 -18.20 -10.98
CA LEU B 332 -13.39 -18.12 -9.92
C LEU B 332 -14.02 -17.99 -8.54
N LYS B 333 -15.16 -17.30 -8.48
CA LYS B 333 -15.91 -17.16 -7.24
C LYS B 333 -16.30 -18.50 -6.59
N PHE B 334 -16.52 -19.54 -7.40
CA PHE B 334 -17.02 -20.83 -6.91
C PHE B 334 -15.98 -21.92 -6.69
N ALA B 335 -14.85 -21.84 -7.39
CA ALA B 335 -13.81 -22.84 -7.24
C ALA B 335 -12.43 -22.19 -7.21
#